data_6SP3
#
_entry.id   6SP3
#
_cell.length_a   53.800
_cell.length_b   176.140
_cell.length_c   54.370
_cell.angle_alpha   90.000
_cell.angle_beta   108.963
_cell.angle_gamma   90.000
#
_symmetry.space_group_name_H-M   'P 1 21 1'
#
loop_
_entity.id
_entity.type
_entity.pdbx_description
1 polymer 'Interleukin-12 subunit beta'
2 branched alpha-D-mannopyranose-(1-3)-alpha-D-mannopyranose-(1-6)-[alpha-D-mannopyranose-(1-3)]beta-D-mannopyranose-(1-4)-2-acetamido-2-deoxy-beta-D-glucopyranose-(1-4)-2-acetamido-2-deoxy-beta-D-glucopyranose
3 non-polymer 'CHLORIDE ION'
#
_entity_poly.entity_id   1
_entity_poly.type   'polypeptide(L)'
_entity_poly.pdbx_seq_one_letter_code
;MCPQKLTISWFAIVLLVSPLMAMWELEKDVYVVEVDWTPDAPGETVNLTCDTPEEDDITWTSDQRHGVIGSGKTLTITVK
EFLDAGQYTCHKGGETLSHSHLLLHKKENGIWSTEILKNFKNKTFLKCEAPNYSGRFTCSWLVQRNMDLKFNIKSSSSSP
DSRAVTCGMASLSAEKVTLDQRDYEKYSVSCQEDVTCPTAEETLPIELALEARQQNKYENYSTSFFIRDIIKPDPPKNLQ
MKPLKNSQVEVSWEYPDSWSTPHSYFSLKFFVRIQRKKEKMKETEEGCNQKGAFLVEKTSTEVQCKGGNVCVQAQDRYYN
SSCSKWACVPCRVRSGTKHHHHHH
;
_entity_poly.pdbx_strand_id   A,B
#
# COMPACT_ATOMS: atom_id res chain seq x y z
N MET A 23 38.13 -11.74 -0.30
CA MET A 23 37.75 -12.35 0.97
C MET A 23 36.83 -11.41 1.74
N TRP A 24 35.90 -11.97 2.52
CA TRP A 24 34.99 -11.15 3.31
C TRP A 24 34.50 -11.93 4.51
N GLU A 25 34.16 -11.18 5.57
CA GLU A 25 33.83 -11.76 6.87
C GLU A 25 32.34 -12.08 6.94
N LEU A 26 32.02 -13.33 7.26
CA LEU A 26 30.65 -13.78 7.45
C LEU A 26 30.19 -13.56 8.88
N GLU A 27 31.03 -13.91 9.85
CA GLU A 27 30.78 -13.64 11.26
C GLU A 27 32.15 -13.62 11.94
N LYS A 28 32.13 -13.47 13.27
CA LYS A 28 33.38 -13.37 14.01
C LYS A 28 34.29 -14.56 13.71
N ASP A 29 35.45 -14.27 13.11
CA ASP A 29 36.49 -15.28 12.84
C ASP A 29 36.01 -16.35 11.87
N VAL A 30 35.09 -16.01 10.97
CA VAL A 30 34.65 -16.90 9.90
C VAL A 30 34.61 -16.09 8.61
N TYR A 31 35.44 -16.48 7.64
CA TYR A 31 35.61 -15.73 6.41
C TYR A 31 35.27 -16.59 5.20
N VAL A 32 34.77 -15.94 4.15
CA VAL A 32 34.38 -16.59 2.91
C VAL A 32 35.34 -16.13 1.82
N VAL A 33 35.85 -17.07 1.05
CA VAL A 33 36.83 -16.80 0.00
C VAL A 33 36.21 -17.18 -1.35
N GLU A 34 36.04 -16.18 -2.22
CA GLU A 34 35.52 -16.41 -3.55
C GLU A 34 36.64 -16.95 -4.44
N VAL A 35 36.36 -18.02 -5.18
CA VAL A 35 37.37 -18.72 -5.95
C VAL A 35 36.83 -19.09 -7.32
N ASP A 36 37.62 -18.82 -8.35
CA ASP A 36 37.34 -19.26 -9.71
C ASP A 36 37.76 -20.73 -9.86
N TRP A 37 36.81 -21.58 -10.24
CA TRP A 37 37.01 -23.03 -10.26
C TRP A 37 37.40 -23.56 -11.63
N THR A 38 38.09 -22.76 -12.44
CA THR A 38 38.65 -23.27 -13.68
C THR A 38 39.94 -24.02 -13.42
N PRO A 39 40.34 -24.92 -14.34
CA PRO A 39 41.52 -25.76 -14.07
C PRO A 39 42.77 -24.97 -13.73
N ASP A 40 43.14 -24.00 -14.57
CA ASP A 40 44.38 -23.25 -14.36
C ASP A 40 44.06 -21.82 -13.93
N ALA A 41 43.42 -21.69 -12.76
CA ALA A 41 43.05 -20.40 -12.18
C ALA A 41 44.05 -19.98 -11.11
N PRO A 42 44.38 -18.70 -10.99
CA PRO A 42 45.29 -18.27 -9.92
C PRO A 42 44.53 -18.11 -8.61
N GLY A 43 44.95 -18.84 -7.59
CA GLY A 43 44.27 -18.80 -6.31
C GLY A 43 44.34 -17.45 -5.64
N GLU A 44 43.42 -17.23 -4.72
CA GLU A 44 43.39 -16.00 -3.95
C GLU A 44 44.39 -16.07 -2.81
N THR A 45 45.25 -15.05 -2.71
CA THR A 45 46.19 -14.93 -1.60
C THR A 45 45.49 -14.21 -0.47
N VAL A 46 45.47 -14.83 0.72
CA VAL A 46 44.76 -14.28 1.87
C VAL A 46 45.69 -14.24 3.06
N ASN A 47 45.72 -13.09 3.74
CA ASN A 47 46.52 -12.90 4.94
C ASN A 47 45.67 -13.18 6.17
N LEU A 48 46.17 -14.01 7.08
CA LEU A 48 45.50 -14.35 8.33
C LEU A 48 46.43 -13.99 9.48
N THR A 49 46.07 -12.95 10.24
CA THR A 49 46.87 -12.52 11.38
C THR A 49 46.35 -13.11 12.68
N CYS A 50 47.25 -13.25 13.64
CA CYS A 50 46.91 -13.84 14.92
C CYS A 50 46.33 -12.80 15.87
N ASP A 51 45.41 -13.26 16.71
CA ASP A 51 44.76 -12.38 17.70
C ASP A 51 45.49 -12.54 19.04
N THR A 52 46.67 -11.93 19.09
CA THR A 52 47.54 -12.01 20.25
C THR A 52 48.50 -10.83 20.21
N PRO A 53 48.98 -10.35 21.36
CA PRO A 53 49.96 -9.25 21.34
C PRO A 53 51.37 -9.70 20.98
N GLU A 54 51.69 -10.99 21.14
CA GLU A 54 53.04 -11.48 20.88
C GLU A 54 53.30 -11.54 19.37
N GLU A 55 54.58 -11.58 19.01
CA GLU A 55 54.99 -11.68 17.61
C GLU A 55 56.04 -12.75 17.33
N ASP A 56 56.60 -13.40 18.35
CA ASP A 56 57.62 -14.42 18.15
C ASP A 56 57.06 -15.81 18.42
N ASP A 57 57.77 -16.81 17.90
CA ASP A 57 57.45 -18.22 18.14
C ASP A 57 56.02 -18.57 17.75
N ILE A 58 55.46 -17.87 16.78
CA ILE A 58 54.07 -18.10 16.38
C ILE A 58 54.04 -19.20 15.32
N THR A 59 53.15 -20.16 15.50
CA THR A 59 53.04 -21.32 14.64
C THR A 59 51.59 -21.48 14.20
N TRP A 60 51.41 -21.97 12.98
CA TRP A 60 50.09 -22.17 12.41
C TRP A 60 49.88 -23.64 12.03
N THR A 61 48.63 -24.08 12.14
CA THR A 61 48.22 -25.40 11.69
C THR A 61 46.88 -25.28 11.00
N SER A 62 46.49 -26.36 10.32
CA SER A 62 45.19 -26.46 9.67
C SER A 62 44.54 -27.77 10.10
N ASP A 63 43.21 -27.76 10.14
CA ASP A 63 42.47 -28.99 10.42
C ASP A 63 42.31 -29.86 9.19
N GLN A 64 42.95 -29.47 8.08
CA GLN A 64 42.97 -30.27 6.86
C GLN A 64 44.37 -30.80 6.52
N ARG A 65 45.38 -30.43 7.31
CA ARG A 65 46.77 -30.79 7.02
C ARG A 65 47.48 -31.17 8.31
N HIS A 66 48.46 -32.06 8.18
CA HIS A 66 49.23 -32.54 9.32
C HIS A 66 50.42 -31.64 9.60
N GLY A 67 50.61 -31.30 10.87
CA GLY A 67 51.78 -30.56 11.28
C GLY A 67 51.67 -29.06 11.05
N VAL A 68 52.81 -28.40 11.25
CA VAL A 68 52.89 -26.95 11.10
C VAL A 68 52.91 -26.60 9.62
N ILE A 69 51.99 -25.71 9.22
CA ILE A 69 51.91 -25.24 7.85
C ILE A 69 52.30 -23.78 7.69
N GLY A 70 52.74 -23.10 8.75
CA GLY A 70 53.14 -21.72 8.61
C GLY A 70 53.71 -21.17 9.90
N SER A 71 54.16 -19.92 9.82
CA SER A 71 54.74 -19.23 10.96
C SER A 71 54.58 -17.74 10.76
N GLY A 72 54.86 -16.98 11.83
CA GLY A 72 54.70 -15.53 11.79
C GLY A 72 53.33 -15.10 12.28
N LYS A 73 53.27 -13.88 12.82
CA LYS A 73 52.01 -13.37 13.33
C LYS A 73 50.95 -13.38 12.23
N THR A 74 51.34 -13.10 10.99
CA THR A 74 50.44 -13.13 9.85
C THR A 74 50.84 -14.27 8.92
N LEU A 75 49.87 -15.13 8.61
CA LEU A 75 50.07 -16.25 7.70
C LEU A 75 49.50 -15.90 6.34
N THR A 76 50.32 -16.02 5.30
CA THR A 76 49.93 -15.73 3.93
C THR A 76 49.85 -17.04 3.16
N ILE A 77 48.68 -17.32 2.59
CA ILE A 77 48.42 -18.57 1.88
C ILE A 77 47.65 -18.30 0.60
N THR A 78 47.76 -19.24 -0.33
CA THR A 78 47.04 -19.22 -1.60
C THR A 78 45.92 -20.25 -1.51
N VAL A 79 44.67 -19.78 -1.49
CA VAL A 79 43.52 -20.64 -1.29
C VAL A 79 42.85 -20.86 -2.64
N LYS A 80 43.01 -22.06 -3.18
CA LYS A 80 42.37 -22.47 -4.43
C LYS A 80 41.51 -23.71 -4.25
N GLU A 81 42.06 -24.78 -3.67
CA GLU A 81 41.33 -26.01 -3.43
C GLU A 81 40.69 -25.98 -2.04
N PHE A 82 39.84 -26.98 -1.77
CA PHE A 82 39.16 -27.04 -0.48
C PHE A 82 40.09 -27.49 0.64
N LEU A 83 41.22 -28.13 0.33
CA LEU A 83 42.18 -28.44 1.37
C LEU A 83 42.80 -27.16 1.93
N ASP A 84 42.85 -26.10 1.12
CA ASP A 84 43.31 -24.79 1.57
C ASP A 84 42.29 -24.07 2.44
N ALA A 85 41.13 -24.67 2.67
CA ALA A 85 40.09 -24.08 3.50
C ALA A 85 40.14 -24.68 4.90
N GLY A 86 39.12 -24.37 5.70
CA GLY A 86 39.00 -24.94 7.01
C GLY A 86 39.44 -23.99 8.12
N GLN A 87 39.70 -24.59 9.28
CA GLN A 87 40.08 -23.85 10.47
C GLN A 87 41.60 -23.75 10.57
N TYR A 88 42.12 -22.52 10.53
CA TYR A 88 43.53 -22.26 10.73
C TYR A 88 43.75 -21.82 12.17
N THR A 89 44.57 -22.55 12.91
CA THR A 89 44.77 -22.31 14.33
C THR A 89 46.15 -21.71 14.60
N CYS A 90 46.18 -20.78 15.54
N CYS A 90 46.21 -20.86 15.61
CA CYS A 90 47.40 -20.13 16.02
CA CYS A 90 47.43 -20.15 15.95
C CYS A 90 48.02 -20.95 17.14
C CYS A 90 48.01 -20.72 17.23
N HIS A 91 49.34 -20.81 17.29
CA HIS A 91 50.03 -21.42 18.43
C HIS A 91 51.25 -20.59 18.80
N LYS A 92 51.60 -20.63 20.08
CA LYS A 92 52.84 -20.08 20.60
C LYS A 92 53.21 -20.87 21.85
N GLY A 93 54.42 -21.41 21.86
CA GLY A 93 54.88 -22.15 23.03
C GLY A 93 53.93 -23.25 23.46
N GLY A 94 53.39 -24.01 22.50
CA GLY A 94 52.56 -25.14 22.80
C GLY A 94 51.13 -24.82 23.20
N GLU A 95 50.81 -23.55 23.44
CA GLU A 95 49.45 -23.15 23.79
C GLU A 95 48.76 -22.56 22.57
N THR A 96 47.47 -22.85 22.43
CA THR A 96 46.69 -22.27 21.35
C THR A 96 46.34 -20.83 21.68
N LEU A 97 46.22 -20.02 20.64
CA LEU A 97 46.02 -18.58 20.77
C LEU A 97 44.70 -18.12 20.19
N SER A 98 44.44 -18.43 18.92
CA SER A 98 43.22 -18.03 18.23
C SER A 98 43.06 -18.96 17.03
N HIS A 99 41.93 -18.84 16.35
CA HIS A 99 41.73 -19.61 15.13
C HIS A 99 40.72 -18.90 14.24
N SER A 100 40.96 -18.99 12.93
CA SER A 100 40.11 -18.38 11.91
C SER A 100 39.62 -19.47 10.97
N HIS A 101 38.38 -19.32 10.50
CA HIS A 101 37.75 -20.31 9.64
C HIS A 101 37.57 -19.75 8.24
N LEU A 102 37.85 -20.57 7.23
CA LEU A 102 37.75 -20.19 5.83
C LEU A 102 36.66 -21.00 5.14
N LEU A 103 35.76 -20.31 4.46
CA LEU A 103 34.74 -20.91 3.61
C LEU A 103 35.06 -20.60 2.15
N LEU A 104 34.65 -21.51 1.27
CA LEU A 104 34.87 -21.38 -0.17
C LEU A 104 33.55 -21.13 -0.87
N HIS A 105 33.54 -20.14 -1.76
CA HIS A 105 32.40 -19.87 -2.63
C HIS A 105 32.84 -20.12 -4.07
N LYS A 106 32.37 -21.23 -4.64
CA LYS A 106 32.82 -21.65 -5.96
C LYS A 106 32.20 -20.78 -7.04
N LYS A 107 33.00 -20.45 -8.05
CA LYS A 107 32.57 -19.71 -9.23
C LYS A 107 33.14 -20.43 -10.44
N GLU A 108 32.26 -21.00 -11.27
CA GLU A 108 32.67 -21.81 -12.42
C GLU A 108 31.90 -21.37 -13.65
N ASN A 109 32.62 -20.98 -14.70
CA ASN A 109 32.04 -20.45 -15.93
C ASN A 109 31.27 -19.15 -15.66
N GLY A 110 31.71 -18.39 -14.66
CA GLY A 110 31.05 -17.14 -14.32
C GLY A 110 29.83 -17.29 -13.45
N ILE A 111 29.42 -18.52 -13.13
CA ILE A 111 28.20 -18.78 -12.37
C ILE A 111 28.59 -19.21 -10.96
N TRP A 112 27.89 -18.67 -9.97
CA TRP A 112 28.09 -19.11 -8.60
C TRP A 112 27.46 -20.48 -8.39
N SER A 113 28.19 -21.35 -7.68
CA SER A 113 27.76 -22.74 -7.53
C SER A 113 26.45 -22.82 -6.76
N THR A 114 25.65 -23.84 -7.09
CA THR A 114 24.39 -24.14 -6.42
C THR A 114 24.32 -25.66 -6.27
N GLU A 115 25.21 -26.20 -5.43
CA GLU A 115 25.41 -27.63 -5.33
C GLU A 115 24.94 -28.24 -4.02
N ILE A 116 24.69 -27.43 -2.99
CA ILE A 116 24.19 -27.97 -1.73
C ILE A 116 22.71 -28.28 -1.83
N LEU A 117 21.97 -27.47 -2.59
CA LEU A 117 20.52 -27.58 -2.71
C LEU A 117 20.15 -28.22 -4.04
N LYS A 118 19.02 -28.92 -4.06
CA LYS A 118 18.45 -29.51 -5.27
C LYS A 118 17.25 -28.69 -5.71
N ASN A 119 17.27 -28.23 -6.95
CA ASN A 119 16.19 -27.39 -7.45
C ASN A 119 14.95 -28.21 -7.75
N PHE A 120 13.78 -27.58 -7.57
CA PHE A 120 12.51 -28.21 -7.81
C PHE A 120 12.26 -28.39 -9.30
N LYS A 121 11.17 -29.07 -9.62
CA LYS A 121 10.81 -29.31 -11.02
C LYS A 121 10.84 -28.02 -11.83
N ASN A 122 10.39 -26.92 -11.25
CA ASN A 122 10.36 -25.63 -11.92
C ASN A 122 11.72 -24.92 -11.94
N LYS A 123 12.79 -25.62 -11.58
CA LYS A 123 14.16 -25.11 -11.59
C LYS A 123 14.39 -23.99 -10.58
N THR A 124 13.45 -23.76 -9.66
CA THR A 124 13.70 -22.87 -8.54
C THR A 124 14.25 -23.66 -7.36
N PHE A 125 14.91 -22.95 -6.45
CA PHE A 125 15.50 -23.57 -5.26
C PHE A 125 14.66 -23.35 -4.02
N LEU A 126 14.15 -22.13 -3.82
CA LEU A 126 13.33 -21.79 -2.67
C LEU A 126 11.86 -21.77 -3.10
N LYS A 127 11.02 -22.50 -2.37
CA LYS A 127 9.59 -22.57 -2.65
C LYS A 127 8.84 -22.21 -1.37
N CYS A 128 8.10 -21.09 -1.41
CA CYS A 128 7.35 -20.60 -0.28
C CYS A 128 5.85 -20.66 -0.56
N GLU A 129 5.07 -20.87 0.50
CA GLU A 129 3.62 -20.93 0.39
C GLU A 129 3.00 -20.42 1.69
N ALA A 130 1.86 -19.72 1.57
CA ALA A 130 1.16 -19.14 2.69
C ALA A 130 -0.30 -19.57 2.68
N PRO A 131 -0.86 -19.95 3.84
CA PRO A 131 -2.28 -20.34 3.88
C PRO A 131 -3.24 -19.16 3.93
N ASN A 132 -2.76 -17.95 4.19
CA ASN A 132 -3.61 -16.78 4.31
C ASN A 132 -2.74 -15.53 4.15
N TYR A 133 -3.40 -14.36 4.15
CA TYR A 133 -2.74 -13.09 3.94
C TYR A 133 -2.25 -12.44 5.24
N SER A 134 -2.13 -13.21 6.32
CA SER A 134 -1.75 -12.63 7.60
C SER A 134 -0.35 -12.04 7.56
N GLY A 135 0.52 -12.59 6.71
CA GLY A 135 1.93 -12.29 6.72
C GLY A 135 2.81 -13.47 7.07
N ARG A 136 2.29 -14.45 7.78
CA ARG A 136 3.05 -15.67 8.04
C ARG A 136 3.09 -16.53 6.79
N PHE A 137 4.23 -17.19 6.60
CA PHE A 137 4.45 -18.08 5.47
C PHE A 137 5.64 -18.96 5.82
N THR A 138 5.87 -19.96 4.97
CA THR A 138 7.02 -20.84 5.12
C THR A 138 7.70 -21.00 3.77
N CYS A 139 9.03 -21.13 3.81
CA CYS A 139 9.83 -21.43 2.62
C CYS A 139 10.53 -22.76 2.85
N SER A 140 10.73 -23.49 1.76
CA SER A 140 11.33 -24.81 1.84
C SER A 140 12.32 -25.00 0.71
N TRP A 141 13.26 -25.93 0.93
CA TRP A 141 14.26 -26.28 -0.07
C TRP A 141 14.63 -27.74 0.13
N LEU A 142 15.33 -28.28 -0.86
CA LEU A 142 15.80 -29.66 -0.84
C LEU A 142 17.32 -29.66 -0.71
N VAL A 143 17.86 -30.77 -0.21
CA VAL A 143 19.30 -30.92 -0.03
C VAL A 143 19.75 -32.19 -0.74
N GLN A 144 20.92 -32.11 -1.36
CA GLN A 144 21.45 -33.26 -2.10
C GLN A 144 21.99 -34.31 -1.14
N ARG A 145 22.61 -33.88 -0.04
CA ARG A 145 23.13 -34.80 0.97
C ARG A 145 22.97 -34.15 2.33
N ASN A 146 22.15 -34.77 3.19
CA ASN A 146 21.84 -34.22 4.51
C ASN A 146 22.97 -34.58 5.48
N MET A 147 24.05 -33.81 5.42
CA MET A 147 25.19 -34.03 6.30
C MET A 147 25.95 -32.73 6.53
N ASP A 148 26.22 -32.44 7.80
CA ASP A 148 27.03 -31.29 8.20
C ASP A 148 26.55 -30.01 7.53
N LEU A 149 25.26 -29.72 7.71
CA LEU A 149 24.63 -28.56 7.11
C LEU A 149 24.38 -27.45 8.13
N LYS A 150 24.40 -26.21 7.65
CA LYS A 150 24.10 -25.03 8.46
C LYS A 150 23.38 -24.02 7.57
N PHE A 151 22.16 -23.66 7.94
CA PHE A 151 21.35 -22.73 7.17
C PHE A 151 21.05 -21.47 7.96
N ASN A 152 20.71 -20.41 7.24
CA ASN A 152 20.32 -19.13 7.84
C ASN A 152 19.65 -18.29 6.76
N ILE A 153 18.44 -17.82 7.04
CA ILE A 153 17.63 -17.09 6.07
C ILE A 153 17.24 -15.73 6.66
N LYS A 154 17.18 -14.71 5.80
CA LYS A 154 16.92 -13.35 6.24
C LYS A 154 16.49 -12.50 5.05
N SER A 155 16.07 -11.28 5.34
CA SER A 155 15.70 -10.32 4.30
C SER A 155 16.92 -9.85 3.54
N SER A 156 16.97 -10.14 2.24
CA SER A 156 18.15 -9.82 1.45
C SER A 156 18.41 -8.32 1.43
N SER A 157 17.42 -7.54 0.97
CA SER A 157 17.57 -6.10 0.91
C SER A 157 17.31 -5.50 2.29
N SER A 158 18.19 -4.59 2.70
CA SER A 158 18.05 -3.94 4.01
C SER A 158 17.93 -2.43 3.84
N SER A 159 17.01 -2.01 3.00
CA SER A 159 16.70 -0.61 2.75
C SER A 159 15.49 -0.20 3.56
N PRO A 160 15.22 1.11 3.66
CA PRO A 160 14.03 1.53 4.43
C PRO A 160 12.73 1.14 3.75
N ASP A 161 12.68 1.21 2.41
CA ASP A 161 11.49 0.85 1.65
C ASP A 161 11.42 -0.64 1.36
N SER A 162 12.13 -1.47 2.11
CA SER A 162 12.06 -2.91 1.99
C SER A 162 11.01 -3.46 2.97
N ARG A 163 10.59 -4.69 2.71
CA ARG A 163 9.62 -5.37 3.57
C ARG A 163 10.39 -6.20 4.60
N ALA A 164 10.28 -5.81 5.86
CA ALA A 164 11.01 -6.47 6.93
C ALA A 164 10.34 -7.79 7.28
N VAL A 165 11.15 -8.83 7.46
CA VAL A 165 10.67 -10.18 7.73
C VAL A 165 11.49 -10.76 8.88
N THR A 166 10.81 -11.50 9.75
CA THR A 166 11.43 -12.14 10.91
C THR A 166 11.28 -13.65 10.74
N CYS A 167 12.35 -14.31 10.31
CA CYS A 167 12.33 -15.74 10.05
C CYS A 167 12.87 -16.52 11.25
N GLY A 168 12.44 -17.78 11.34
CA GLY A 168 12.88 -18.68 12.39
C GLY A 168 14.12 -19.45 12.00
N MET A 169 14.29 -20.63 12.61
CA MET A 169 15.43 -21.50 12.32
C MET A 169 14.98 -22.66 11.45
N ALA A 170 15.85 -23.06 10.52
CA ALA A 170 15.54 -24.13 9.58
C ALA A 170 15.52 -25.49 10.28
N SER A 171 14.54 -26.31 9.90
CA SER A 171 14.35 -27.64 10.49
C SER A 171 14.18 -28.67 9.39
N LEU A 172 14.71 -29.86 9.62
CA LEU A 172 14.50 -30.97 8.69
C LEU A 172 13.06 -31.45 8.79
N SER A 173 12.41 -31.59 7.64
CA SER A 173 11.01 -32.01 7.58
C SER A 173 10.90 -33.51 7.40
N ALA A 174 9.78 -34.06 7.87
CA ALA A 174 9.52 -35.49 7.70
C ALA A 174 9.20 -35.82 6.25
N GLU A 175 8.54 -34.91 5.54
CA GLU A 175 8.20 -35.14 4.14
C GLU A 175 9.45 -35.10 3.27
N LYS A 176 9.51 -36.01 2.30
CA LYS A 176 10.64 -36.14 1.39
C LYS A 176 10.14 -36.02 -0.04
N VAL A 177 10.56 -34.96 -0.74
CA VAL A 177 10.16 -34.81 -2.13
C VAL A 177 10.93 -35.80 -2.99
N THR A 178 10.28 -36.30 -4.03
CA THR A 178 10.85 -37.30 -4.93
C THR A 178 10.87 -36.73 -6.34
N LEU A 179 12.07 -36.46 -6.85
CA LEU A 179 12.26 -35.95 -8.20
C LEU A 179 13.21 -36.89 -8.94
N ASP A 180 12.97 -37.04 -10.24
CA ASP A 180 13.69 -38.01 -11.08
C ASP A 180 13.35 -39.39 -10.49
N GLN A 181 14.33 -40.18 -10.09
CA GLN A 181 14.11 -41.42 -9.33
C GLN A 181 14.94 -41.35 -8.05
N ARG A 182 14.85 -40.21 -7.37
CA ARG A 182 15.62 -39.92 -6.17
C ARG A 182 14.72 -39.22 -5.17
N ASP A 183 14.88 -39.55 -3.89
CA ASP A 183 14.14 -38.91 -2.81
C ASP A 183 15.06 -37.92 -2.11
N TYR A 184 14.68 -36.65 -2.17
CA TYR A 184 15.49 -35.58 -1.59
C TYR A 184 14.86 -35.14 -0.27
N GLU A 185 15.69 -34.99 0.76
CA GLU A 185 15.22 -34.50 2.04
C GLU A 185 14.94 -33.00 1.95
N LYS A 186 13.83 -32.56 2.53
CA LYS A 186 13.45 -31.16 2.44
C LYS A 186 13.57 -30.48 3.81
N TYR A 187 13.92 -29.21 3.77
CA TYR A 187 14.04 -28.34 4.92
C TYR A 187 12.98 -27.26 4.84
N SER A 188 12.67 -26.64 5.98
CA SER A 188 11.62 -25.63 6.01
C SER A 188 11.85 -24.65 7.15
N VAL A 189 11.34 -23.44 6.97
CA VAL A 189 11.47 -22.36 7.93
C VAL A 189 10.23 -21.48 7.84
N SER A 190 9.69 -21.10 8.99
CA SER A 190 8.51 -20.25 9.05
C SER A 190 8.93 -18.80 9.28
N CYS A 191 8.22 -17.87 8.66
CA CYS A 191 8.57 -16.47 8.70
C CYS A 191 7.31 -15.63 8.87
N GLN A 192 7.48 -14.42 9.42
CA GLN A 192 6.38 -13.48 9.66
C GLN A 192 6.81 -12.11 9.17
N GLU A 193 5.92 -11.44 8.42
CA GLU A 193 6.18 -10.07 8.01
C GLU A 193 5.91 -9.15 9.19
N ASP A 194 6.90 -8.29 9.49
CA ASP A 194 6.86 -7.48 10.69
C ASP A 194 5.57 -6.66 10.80
N VAL A 195 5.40 -5.69 9.92
CA VAL A 195 4.25 -4.81 9.94
C VAL A 195 3.39 -5.14 8.72
N THR A 196 2.07 -5.25 8.94
CA THR A 196 1.17 -5.74 7.91
C THR A 196 -0.18 -5.02 7.96
N CYS A 197 -0.85 -5.05 6.81
CA CYS A 197 -2.28 -4.74 6.71
C CYS A 197 -2.84 -5.68 5.65
N PRO A 198 -3.30 -6.88 6.05
CA PRO A 198 -3.69 -7.91 5.08
C PRO A 198 -4.45 -7.40 3.87
N THR A 199 -5.44 -6.52 4.10
CA THR A 199 -6.29 -6.08 3.01
C THR A 199 -5.56 -5.18 2.01
N ALA A 200 -4.48 -4.54 2.44
CA ALA A 200 -3.76 -3.59 1.59
C ALA A 200 -3.09 -4.29 0.41
N GLU A 201 -2.98 -3.55 -0.69
CA GLU A 201 -2.29 -4.03 -1.89
C GLU A 201 -0.78 -3.98 -1.69
N GLU A 202 -0.10 -5.01 -2.20
CA GLU A 202 1.36 -5.11 -2.11
C GLU A 202 2.01 -4.38 -3.30
N THR A 203 2.82 -3.37 -3.01
CA THR A 203 3.48 -2.60 -4.05
C THR A 203 4.90 -3.06 -4.36
N LEU A 204 5.57 -3.73 -3.42
CA LEU A 204 6.91 -4.26 -3.65
C LEU A 204 7.02 -5.60 -2.96
N PRO A 205 7.89 -6.49 -3.44
CA PRO A 205 7.89 -7.86 -2.97
C PRO A 205 8.74 -8.09 -1.72
N ILE A 206 8.59 -9.29 -1.17
CA ILE A 206 9.41 -9.76 -0.05
C ILE A 206 10.64 -10.42 -0.66
N GLU A 207 11.81 -9.82 -0.46
CA GLU A 207 13.06 -10.35 -0.97
C GLU A 207 13.81 -11.05 0.15
N LEU A 208 14.02 -12.35 0.00
CA LEU A 208 14.69 -13.19 0.99
C LEU A 208 16.01 -13.71 0.45
N ALA A 209 16.85 -14.20 1.37
CA ALA A 209 18.14 -14.76 1.01
C ALA A 209 18.52 -15.86 2.00
N LEU A 210 18.82 -17.04 1.48
CA LEU A 210 19.24 -18.18 2.28
C LEU A 210 20.74 -18.39 2.14
N GLU A 211 21.44 -18.43 3.27
CA GLU A 211 22.84 -18.83 3.31
C GLU A 211 22.92 -20.30 3.66
N ALA A 212 23.67 -21.06 2.85
CA ALA A 212 23.80 -22.49 3.02
C ALA A 212 25.27 -22.86 3.12
N ARG A 213 25.60 -23.72 4.09
CA ARG A 213 26.94 -24.25 4.26
C ARG A 213 26.89 -25.77 4.28
N GLN A 214 27.94 -26.39 3.77
CA GLN A 214 28.10 -27.84 3.81
C GLN A 214 29.59 -28.13 3.92
N GLN A 215 30.02 -28.53 5.11
CA GLN A 215 31.45 -28.67 5.43
C GLN A 215 32.05 -27.28 5.30
N ASN A 216 33.04 -27.06 4.45
CA ASN A 216 33.64 -25.75 4.27
C ASN A 216 33.26 -25.11 2.93
N LYS A 217 32.09 -25.45 2.41
CA LYS A 217 31.55 -24.87 1.19
C LYS A 217 30.45 -23.88 1.56
N TYR A 218 30.49 -22.68 0.97
CA TYR A 218 29.49 -21.65 1.20
C TYR A 218 28.79 -21.31 -0.11
N GLU A 219 27.46 -21.27 -0.06
CA GLU A 219 26.63 -20.87 -1.17
C GLU A 219 25.49 -20.05 -0.62
N ASN A 220 24.76 -19.35 -1.49
CA ASN A 220 23.59 -18.62 -1.03
C ASN A 220 22.56 -18.46 -2.13
N TYR A 221 21.30 -18.54 -1.73
CA TYR A 221 20.15 -18.60 -2.61
C TYR A 221 19.21 -17.46 -2.26
N SER A 222 18.62 -16.84 -3.29
CA SER A 222 17.75 -15.69 -3.09
C SER A 222 16.43 -15.89 -3.83
N THR A 223 15.41 -15.18 -3.38
CA THR A 223 14.08 -15.26 -3.96
C THR A 223 13.31 -13.99 -3.61
N SER A 224 12.42 -13.59 -4.51
CA SER A 224 11.52 -12.46 -4.30
C SER A 224 10.11 -12.89 -4.66
N PHE A 225 9.13 -12.40 -3.92
CA PHE A 225 7.75 -12.82 -4.16
C PHE A 225 6.78 -11.88 -3.45
N PHE A 226 5.56 -11.86 -3.96
CA PHE A 226 4.43 -11.20 -3.30
C PHE A 226 3.62 -12.26 -2.58
N ILE A 227 3.16 -11.95 -1.36
CA ILE A 227 2.43 -12.93 -0.58
C ILE A 227 1.22 -13.44 -1.38
N ARG A 228 0.59 -12.57 -2.17
CA ARG A 228 -0.56 -12.98 -2.95
C ARG A 228 -0.22 -14.11 -3.91
N ASP A 229 1.01 -14.14 -4.43
CA ASP A 229 1.37 -15.15 -5.40
C ASP A 229 1.65 -16.51 -4.77
N ILE A 230 2.08 -16.53 -3.50
CA ILE A 230 2.39 -17.79 -2.82
C ILE A 230 1.20 -18.35 -2.05
N ILE A 231 0.04 -17.69 -2.11
CA ILE A 231 -1.12 -18.15 -1.34
C ILE A 231 -1.57 -19.52 -1.81
N LYS A 232 -1.86 -20.40 -0.84
CA LYS A 232 -2.45 -21.71 -1.12
C LYS A 232 -3.35 -22.04 0.07
N PRO A 233 -4.65 -21.84 -0.06
CA PRO A 233 -5.54 -22.09 1.08
C PRO A 233 -5.58 -23.56 1.46
N ASP A 234 -6.03 -23.82 2.68
CA ASP A 234 -6.21 -25.18 3.15
C ASP A 234 -7.53 -25.73 2.65
N PRO A 235 -7.70 -27.06 2.64
CA PRO A 235 -8.90 -27.63 2.02
C PRO A 235 -10.15 -27.27 2.79
N PRO A 236 -11.30 -27.17 2.11
CA PRO A 236 -12.53 -26.76 2.80
C PRO A 236 -12.97 -27.77 3.84
N LYS A 237 -13.38 -27.26 5.01
CA LYS A 237 -13.73 -28.11 6.14
C LYS A 237 -15.22 -28.47 6.13
N ASN A 238 -15.53 -29.53 6.88
CA ASN A 238 -16.89 -30.04 7.08
C ASN A 238 -17.63 -30.24 5.76
N LEU A 239 -17.08 -31.14 4.94
CA LEU A 239 -17.68 -31.55 3.67
C LEU A 239 -18.70 -32.65 3.94
N GLN A 240 -19.97 -32.25 4.10
CA GLN A 240 -21.05 -33.16 4.45
C GLN A 240 -21.87 -33.55 3.23
N MET A 241 -22.66 -34.62 3.39
CA MET A 241 -23.48 -35.21 2.34
C MET A 241 -24.96 -35.11 2.67
N LYS A 242 -25.79 -35.02 1.62
CA LYS A 242 -27.24 -35.00 1.78
C LYS A 242 -27.94 -35.34 0.46
N PRO A 243 -28.59 -36.51 0.36
CA PRO A 243 -29.19 -36.89 -0.93
C PRO A 243 -30.43 -36.08 -1.26
N LEU A 244 -30.87 -36.20 -2.52
CA LEU A 244 -32.02 -35.46 -3.04
C LEU A 244 -33.00 -36.41 -3.71
N LYS A 245 -32.55 -37.08 -4.76
CA LYS A 245 -33.38 -38.00 -5.53
C LYS A 245 -32.46 -38.99 -6.24
N ASN A 246 -33.05 -39.85 -7.04
CA ASN A 246 -32.29 -40.87 -7.76
C ASN A 246 -31.20 -40.22 -8.61
N SER A 247 -29.94 -40.52 -8.29
CA SER A 247 -28.78 -40.03 -9.04
C SER A 247 -28.57 -38.53 -8.84
N GLN A 248 -28.85 -38.03 -7.64
CA GLN A 248 -28.61 -36.63 -7.31
C GLN A 248 -28.34 -36.49 -5.82
N VAL A 249 -27.46 -35.55 -5.48
CA VAL A 249 -27.06 -35.33 -4.09
C VAL A 249 -26.59 -33.89 -3.94
N GLU A 250 -26.93 -33.28 -2.81
CA GLU A 250 -26.49 -31.93 -2.49
C GLU A 250 -25.27 -32.03 -1.59
N VAL A 251 -24.19 -31.35 -1.97
CA VAL A 251 -22.93 -31.39 -1.23
C VAL A 251 -22.63 -29.97 -0.72
N SER A 252 -22.24 -29.89 0.54
CA SER A 252 -22.01 -28.61 1.22
C SER A 252 -20.70 -28.67 2.00
N TRP A 253 -20.16 -27.49 2.28
CA TRP A 253 -18.89 -27.37 2.99
C TRP A 253 -18.80 -25.96 3.57
N GLU A 254 -17.63 -25.62 4.12
CA GLU A 254 -17.38 -24.28 4.64
C GLU A 254 -15.90 -23.94 4.53
N TYR A 255 -15.62 -22.63 4.52
CA TYR A 255 -14.26 -22.14 4.36
C TYR A 255 -13.37 -22.70 5.47
N PRO A 256 -12.08 -22.89 5.21
CA PRO A 256 -11.18 -23.43 6.25
C PRO A 256 -10.88 -22.39 7.32
N ASP A 257 -10.56 -22.91 8.51
CA ASP A 257 -10.28 -22.04 9.65
C ASP A 257 -9.03 -21.20 9.44
N SER A 258 -8.04 -21.72 8.72
CA SER A 258 -6.79 -20.98 8.51
C SER A 258 -7.01 -19.72 7.68
N TRP A 259 -8.04 -19.71 6.84
CA TRP A 259 -8.20 -18.64 5.86
C TRP A 259 -8.44 -17.28 6.52
N SER A 260 -8.05 -16.24 5.80
CA SER A 260 -8.16 -14.87 6.29
C SER A 260 -9.62 -14.47 6.50
N THR A 261 -9.83 -13.56 7.44
CA THR A 261 -11.14 -13.01 7.78
C THR A 261 -11.12 -11.50 7.63
N PRO A 262 -12.27 -10.87 7.35
CA PRO A 262 -13.59 -11.45 7.12
C PRO A 262 -13.75 -12.09 5.75
N HIS A 263 -14.61 -13.11 5.68
CA HIS A 263 -14.78 -13.88 4.46
C HIS A 263 -15.51 -13.09 3.38
N SER A 264 -16.23 -12.03 3.76
CA SER A 264 -16.84 -11.15 2.77
C SER A 264 -15.79 -10.43 1.93
N TYR A 265 -14.63 -10.13 2.52
CA TYR A 265 -13.53 -9.51 1.78
C TYR A 265 -12.63 -10.55 1.14
N PHE A 266 -12.16 -11.52 1.92
CA PHE A 266 -11.26 -12.56 1.42
C PHE A 266 -12.10 -13.72 0.88
N SER A 267 -12.78 -13.45 -0.23
CA SER A 267 -13.67 -14.44 -0.81
C SER A 267 -12.89 -15.57 -1.46
N LEU A 268 -13.58 -16.70 -1.64
CA LEU A 268 -12.97 -17.91 -2.16
C LEU A 268 -13.91 -18.50 -3.22
N LYS A 269 -13.32 -19.21 -4.18
CA LYS A 269 -14.08 -19.97 -5.17
C LYS A 269 -13.66 -21.44 -5.08
N PHE A 270 -14.51 -22.32 -5.61
CA PHE A 270 -14.26 -23.75 -5.52
C PHE A 270 -14.56 -24.44 -6.84
N PHE A 271 -13.81 -25.51 -7.11
CA PHE A 271 -13.99 -26.36 -8.28
C PHE A 271 -14.44 -27.74 -7.79
N VAL A 272 -15.35 -28.36 -8.54
CA VAL A 272 -15.96 -29.64 -8.14
C VAL A 272 -15.81 -30.65 -9.27
N ARG A 273 -15.11 -31.75 -8.99
CA ARG A 273 -14.88 -32.83 -9.94
C ARG A 273 -15.38 -34.15 -9.37
N ILE A 274 -15.40 -35.18 -10.23
CA ILE A 274 -15.83 -36.53 -9.87
C ILE A 274 -14.70 -37.51 -10.16
N GLN A 275 -14.65 -38.58 -9.38
CA GLN A 275 -13.60 -39.59 -9.48
C GLN A 275 -14.24 -40.96 -9.64
N ARG A 276 -13.43 -41.93 -10.05
CA ARG A 276 -13.89 -43.29 -10.25
C ARG A 276 -12.74 -44.29 -10.08
N GLY A 287 -1.51 -29.31 -8.08
CA GLY A 287 -2.05 -27.96 -8.05
C GLY A 287 -3.50 -27.90 -8.47
N CYS A 288 -3.79 -27.07 -9.48
CA CYS A 288 -5.16 -26.88 -9.96
C CYS A 288 -5.44 -27.85 -11.10
N ASN A 289 -6.11 -28.95 -10.79
CA ASN A 289 -6.59 -29.88 -11.81
C ASN A 289 -7.94 -29.37 -12.31
N GLN A 290 -7.96 -28.81 -13.52
CA GLN A 290 -9.18 -28.32 -14.14
C GLN A 290 -9.58 -29.18 -15.34
N LYS A 291 -9.40 -30.50 -15.23
CA LYS A 291 -9.72 -31.38 -16.35
C LYS A 291 -11.23 -31.52 -16.53
N GLY A 292 -11.94 -31.89 -15.47
CA GLY A 292 -13.38 -32.05 -15.56
C GLY A 292 -14.14 -31.50 -14.37
N ALA A 293 -13.58 -30.49 -13.72
CA ALA A 293 -14.18 -29.86 -12.55
C ALA A 293 -14.97 -28.63 -12.98
N PHE A 294 -16.10 -28.40 -12.31
CA PHE A 294 -16.95 -27.25 -12.61
C PHE A 294 -16.93 -26.24 -11.46
N LEU A 295 -16.93 -24.96 -11.82
CA LEU A 295 -16.76 -23.87 -10.87
C LEU A 295 -18.04 -23.61 -10.08
N VAL A 296 -17.87 -23.30 -8.80
CA VAL A 296 -18.96 -22.87 -7.94
C VAL A 296 -18.43 -21.87 -6.92
N GLU A 297 -18.96 -20.64 -6.94
CA GLU A 297 -18.52 -19.64 -5.98
C GLU A 297 -19.20 -19.81 -4.63
N LYS A 298 -20.45 -20.27 -4.62
CA LYS A 298 -21.13 -20.56 -3.37
C LYS A 298 -20.50 -21.79 -2.70
N THR A 299 -20.92 -22.03 -1.45
CA THR A 299 -20.38 -23.12 -0.65
C THR A 299 -21.22 -24.40 -0.72
N SER A 300 -21.96 -24.61 -1.81
CA SER A 300 -22.75 -25.81 -1.96
C SER A 300 -23.21 -25.94 -3.41
N THR A 301 -23.49 -27.17 -3.82
CA THR A 301 -23.97 -27.43 -5.16
C THR A 301 -24.73 -28.76 -5.18
N GLU A 302 -25.49 -28.96 -6.26
CA GLU A 302 -26.18 -30.21 -6.54
C GLU A 302 -25.57 -30.85 -7.79
N VAL A 303 -25.35 -32.16 -7.72
CA VAL A 303 -24.60 -32.86 -8.76
C VAL A 303 -25.00 -34.33 -8.77
N GLN A 304 -24.73 -35.01 -9.89
CA GLN A 304 -25.06 -36.41 -10.07
C GLN A 304 -23.79 -37.26 -9.97
N CYS A 305 -23.87 -38.35 -9.20
CA CYS A 305 -22.77 -39.29 -9.09
C CYS A 305 -23.28 -40.72 -9.02
N LYS A 306 -23.97 -41.07 -7.94
CA LYS A 306 -24.51 -42.42 -7.76
C LYS A 306 -23.42 -43.48 -7.86
N GLY A 307 -22.21 -43.14 -7.42
CA GLY A 307 -21.09 -44.06 -7.48
C GLY A 307 -19.79 -43.35 -7.76
N GLY A 308 -18.92 -43.30 -6.76
CA GLY A 308 -17.63 -42.63 -6.86
C GLY A 308 -17.51 -41.54 -5.82
N ASN A 309 -16.42 -40.78 -5.93
CA ASN A 309 -16.12 -39.69 -5.03
C ASN A 309 -16.55 -38.36 -5.63
N VAL A 310 -16.90 -37.43 -4.76
CA VAL A 310 -17.17 -36.04 -5.13
C VAL A 310 -16.13 -35.17 -4.43
N CYS A 311 -15.18 -34.64 -5.19
CA CYS A 311 -14.04 -33.91 -4.65
C CYS A 311 -14.20 -32.43 -4.95
N VAL A 312 -13.75 -31.59 -4.02
CA VAL A 312 -13.84 -30.14 -4.15
C VAL A 312 -12.60 -29.50 -3.56
N GLN A 313 -12.06 -28.51 -4.27
CA GLN A 313 -10.89 -27.76 -3.86
C GLN A 313 -11.21 -26.26 -3.91
N ALA A 314 -10.33 -25.45 -3.31
CA ALA A 314 -10.55 -24.02 -3.18
C ALA A 314 -9.42 -23.22 -3.81
N GLN A 315 -9.72 -21.94 -4.07
CA GLN A 315 -8.79 -20.99 -4.65
C GLN A 315 -9.28 -19.59 -4.31
N ASP A 316 -8.36 -18.64 -4.24
CA ASP A 316 -8.76 -17.26 -4.04
C ASP A 316 -9.63 -16.81 -5.20
N ARG A 317 -10.77 -16.20 -4.88
CA ARG A 317 -11.75 -15.88 -5.92
C ARG A 317 -11.17 -14.95 -6.98
N TYR A 318 -10.34 -13.98 -6.55
CA TYR A 318 -9.98 -12.88 -7.43
C TYR A 318 -8.59 -12.97 -8.04
N TYR A 319 -7.68 -13.73 -7.46
CA TYR A 319 -6.33 -13.88 -7.99
C TYR A 319 -6.05 -15.35 -8.29
N ASN A 320 -5.35 -15.60 -9.40
CA ASN A 320 -5.04 -16.95 -9.85
C ASN A 320 -3.79 -17.47 -9.13
N SER A 321 -3.97 -17.72 -7.82
CA SER A 321 -2.92 -18.30 -7.00
C SER A 321 -3.10 -19.82 -6.94
N SER A 322 -2.24 -20.47 -6.16
CA SER A 322 -2.29 -21.93 -6.06
C SER A 322 -3.60 -22.39 -5.46
N CYS A 323 -4.14 -23.48 -6.00
CA CYS A 323 -5.36 -24.07 -5.48
C CYS A 323 -5.05 -24.93 -4.25
N SER A 324 -6.10 -25.28 -3.52
CA SER A 324 -5.96 -26.06 -2.31
C SER A 324 -5.94 -27.55 -2.64
N LYS A 325 -5.60 -28.36 -1.64
CA LYS A 325 -5.71 -29.79 -1.77
C LYS A 325 -7.18 -30.19 -1.88
N TRP A 326 -7.43 -31.35 -2.48
CA TRP A 326 -8.79 -31.81 -2.69
C TRP A 326 -9.39 -32.33 -1.39
N ALA A 327 -10.69 -32.05 -1.21
CA ALA A 327 -11.48 -32.56 -0.09
C ALA A 327 -12.56 -33.46 -0.67
N CYS A 328 -12.46 -34.76 -0.40
CA CYS A 328 -13.30 -35.75 -1.06
C CYS A 328 -14.17 -36.49 -0.05
N VAL A 329 -15.31 -36.98 -0.54
CA VAL A 329 -16.24 -37.80 0.22
C VAL A 329 -16.94 -38.72 -0.78
N PRO A 330 -17.36 -39.92 -0.37
CA PRO A 330 -17.99 -40.83 -1.32
C PRO A 330 -19.38 -40.37 -1.75
N CYS A 331 -20.06 -41.20 -2.56
CA CYS A 331 -21.42 -40.92 -3.03
C CYS A 331 -22.29 -42.14 -2.70
N ARG A 332 -22.57 -42.32 -1.41
CA ARG A 332 -23.35 -43.44 -0.92
C ARG A 332 -24.44 -42.94 0.03
N VAL A 333 -25.55 -43.66 0.06
CA VAL A 333 -26.68 -43.28 0.90
C VAL A 333 -26.68 -44.13 2.17
N MET B 23 1.56 39.76 13.44
CA MET B 23 2.03 39.46 12.09
C MET B 23 2.65 38.07 12.07
N TRP B 24 2.56 37.36 10.95
CA TRP B 24 3.16 36.04 10.85
C TRP B 24 3.45 35.71 9.40
N GLU B 25 4.46 34.86 9.20
CA GLU B 25 5.02 34.56 7.88
C GLU B 25 4.24 33.41 7.25
N LEU B 26 3.72 33.65 6.05
CA LEU B 26 3.02 32.64 5.26
C LEU B 26 3.99 31.82 4.43
N GLU B 27 4.90 32.50 3.75
CA GLU B 27 5.99 31.87 3.00
C GLU B 27 7.12 32.89 2.91
N LYS B 28 8.17 32.54 2.19
CA LYS B 28 9.33 33.42 2.09
C LYS B 28 8.91 34.81 1.62
N ASP B 29 9.12 35.80 2.48
CA ASP B 29 8.89 37.21 2.15
C ASP B 29 7.42 37.50 1.86
N VAL B 30 6.51 36.74 2.45
CA VAL B 30 5.08 37.01 2.36
C VAL B 30 4.48 36.87 3.76
N TYR B 31 3.94 37.97 4.28
CA TYR B 31 3.49 38.03 5.66
C TYR B 31 2.00 38.38 5.74
N VAL B 32 1.35 37.87 6.78
CA VAL B 32 -0.07 38.07 7.03
C VAL B 32 -0.21 38.94 8.27
N VAL B 33 -1.05 39.97 8.17
CA VAL B 33 -1.28 40.93 9.25
C VAL B 33 -2.74 40.82 9.65
N GLU B 34 -2.98 40.40 10.89
CA GLU B 34 -4.34 40.33 11.42
C GLU B 34 -4.78 41.74 11.84
N VAL B 35 -5.98 42.14 11.44
CA VAL B 35 -6.45 43.50 11.64
C VAL B 35 -7.90 43.48 12.10
N ASP B 36 -8.18 44.24 13.17
CA ASP B 36 -9.55 44.47 13.62
C ASP B 36 -10.16 45.58 12.77
N TRP B 37 -11.26 45.28 12.08
CA TRP B 37 -11.84 46.21 11.12
C TRP B 37 -13.01 47.00 11.69
N THR B 38 -12.96 47.32 12.97
CA THR B 38 -13.93 48.25 13.52
C THR B 38 -13.54 49.67 13.11
N PRO B 39 -14.49 50.60 13.11
CA PRO B 39 -14.18 51.95 12.61
C PRO B 39 -12.99 52.60 13.28
N ASP B 40 -12.98 52.65 14.61
CA ASP B 40 -11.90 53.34 15.33
C ASP B 40 -10.99 52.32 16.03
N ALA B 41 -10.34 51.47 15.23
CA ALA B 41 -9.44 50.45 15.72
C ALA B 41 -7.99 50.90 15.59
N PRO B 42 -7.12 50.58 16.55
CA PRO B 42 -5.70 50.96 16.41
C PRO B 42 -4.98 49.95 15.52
N GLY B 43 -4.39 50.44 14.44
CA GLY B 43 -3.72 49.55 13.51
C GLY B 43 -2.51 48.88 14.13
N GLU B 44 -2.11 47.77 13.53
CA GLU B 44 -0.94 47.04 13.98
C GLU B 44 0.31 47.67 13.41
N THR B 45 1.28 47.97 14.28
CA THR B 45 2.57 48.49 13.86
C THR B 45 3.49 47.32 13.52
N VAL B 46 4.04 47.34 12.31
CA VAL B 46 4.87 46.25 11.82
C VAL B 46 6.20 46.80 11.34
N ASN B 47 7.29 46.17 11.76
CA ASN B 47 8.64 46.54 11.35
C ASN B 47 9.06 45.67 10.17
N LEU B 48 9.58 46.32 9.13
CA LEU B 48 10.07 45.62 7.93
C LEU B 48 11.53 45.98 7.73
N THR B 49 12.42 45.01 7.92
CA THR B 49 13.85 45.22 7.73
C THR B 49 14.26 44.74 6.33
N CYS B 50 15.34 45.34 5.83
CA CYS B 50 15.86 45.05 4.50
C CYS B 50 16.79 43.85 4.55
N ASP B 51 16.78 43.07 3.47
CA ASP B 51 17.63 41.88 3.35
C ASP B 51 18.88 42.27 2.55
N THR B 52 19.78 42.98 3.22
CA THR B 52 21.00 43.49 2.59
C THR B 52 22.03 43.76 3.67
N PRO B 53 23.33 43.68 3.35
CA PRO B 53 24.35 44.03 4.35
C PRO B 53 24.54 45.53 4.51
N GLU B 54 24.11 46.34 3.54
CA GLU B 54 24.32 47.78 3.61
C GLU B 54 23.40 48.39 4.66
N GLU B 55 23.76 49.60 5.11
CA GLU B 55 22.95 50.32 6.09
C GLU B 55 22.66 51.77 5.73
N ASP B 56 23.28 52.32 4.69
CA ASP B 56 23.08 53.72 4.30
C ASP B 56 22.29 53.82 3.00
N ASP B 57 21.75 55.03 2.77
CA ASP B 57 21.07 55.38 1.53
C ASP B 57 19.90 54.45 1.20
N ILE B 58 19.30 53.85 2.22
CA ILE B 58 18.23 52.87 2.02
C ILE B 58 16.87 53.58 2.04
N THR B 59 16.04 53.30 1.03
CA THR B 59 14.71 53.88 0.89
C THR B 59 13.69 52.81 0.52
N TRP B 60 12.43 53.07 0.87
CA TRP B 60 11.32 52.14 0.68
C TRP B 60 10.25 52.72 -0.23
N THR B 61 9.54 51.84 -0.94
CA THR B 61 8.37 52.20 -1.73
C THR B 61 7.31 51.13 -1.55
N SER B 62 6.09 51.44 -2.01
CA SER B 62 4.97 50.52 -2.00
C SER B 62 4.35 50.48 -3.39
N ASP B 63 3.77 49.33 -3.74
CA ASP B 63 3.04 49.21 -5.00
C ASP B 63 1.63 49.75 -4.91
N GLN B 64 1.27 50.35 -3.77
CA GLN B 64 -0.02 51.00 -3.59
C GLN B 64 0.10 52.50 -3.42
N ARG B 65 1.32 53.04 -3.39
CA ARG B 65 1.55 54.46 -3.13
C ARG B 65 2.65 54.97 -4.06
N HIS B 66 2.55 56.25 -4.40
CA HIS B 66 3.50 56.89 -5.31
C HIS B 66 4.69 57.44 -4.53
N GLY B 67 5.89 57.16 -5.03
CA GLY B 67 7.10 57.74 -4.48
C GLY B 67 7.60 57.02 -3.24
N VAL B 68 8.60 57.64 -2.62
CA VAL B 68 9.24 57.08 -1.43
C VAL B 68 8.32 57.26 -0.24
N ILE B 69 8.05 56.16 0.46
CA ILE B 69 7.20 56.18 1.65
C ILE B 69 7.98 55.89 2.92
N GLY B 70 9.29 55.71 2.85
CA GLY B 70 10.06 55.44 4.05
C GLY B 70 11.55 55.39 3.79
N SER B 71 12.30 55.21 4.87
CA SER B 71 13.75 55.13 4.82
C SER B 71 14.24 54.36 6.03
N GLY B 72 15.52 54.02 6.02
CA GLY B 72 16.11 53.24 7.11
C GLY B 72 16.08 51.75 6.85
N LYS B 73 17.04 51.05 7.43
CA LYS B 73 17.13 49.60 7.21
C LYS B 73 15.82 48.92 7.60
N THR B 74 15.18 49.41 8.66
CA THR B 74 13.89 48.90 9.11
C THR B 74 12.82 49.95 8.91
N LEU B 75 11.75 49.59 8.22
CA LEU B 75 10.62 50.47 7.98
C LEU B 75 9.51 50.10 8.96
N THR B 76 9.03 51.09 9.71
CA THR B 76 7.98 50.90 10.70
C THR B 76 6.71 51.59 10.20
N ILE B 77 5.63 50.83 10.06
CA ILE B 77 4.38 51.33 9.52
C ILE B 77 3.21 50.80 10.34
N THR B 78 2.09 51.51 10.24
CA THR B 78 0.85 51.16 10.90
C THR B 78 -0.11 50.62 9.83
N VAL B 79 -0.44 49.34 9.94
CA VAL B 79 -1.23 48.65 8.92
C VAL B 79 -2.66 48.52 9.43
N LYS B 80 -3.57 49.31 8.86
CA LYS B 80 -4.99 49.24 9.17
C LYS B 80 -5.84 49.02 7.92
N GLU B 81 -5.67 49.86 6.90
CA GLU B 81 -6.42 49.73 5.66
C GLU B 81 -5.66 48.87 4.66
N PHE B 82 -6.31 48.54 3.55
CA PHE B 82 -5.68 47.71 2.53
C PHE B 82 -4.64 48.49 1.71
N LEU B 83 -4.69 49.81 1.73
CA LEU B 83 -3.62 50.58 1.08
C LEU B 83 -2.31 50.40 1.83
N ASP B 84 -2.37 50.12 3.13
CA ASP B 84 -1.19 49.82 3.93
C ASP B 84 -0.63 48.43 3.66
N ALA B 85 -1.28 47.64 2.81
CA ALA B 85 -0.83 46.31 2.47
C ALA B 85 -0.07 46.35 1.14
N GLY B 86 0.24 45.18 0.60
CA GLY B 86 0.89 45.07 -0.68
C GLY B 86 2.38 44.79 -0.58
N GLN B 87 3.07 45.03 -1.69
CA GLN B 87 4.50 44.75 -1.80
C GLN B 87 5.30 46.00 -1.43
N TYR B 88 6.11 45.88 -0.38
CA TYR B 88 7.03 46.93 0.03
C TYR B 88 8.42 46.60 -0.49
N THR B 89 8.98 47.49 -1.30
CA THR B 89 10.25 47.26 -1.98
C THR B 89 11.35 48.12 -1.36
N CYS B 90 12.55 47.53 -1.26
CA CYS B 90 13.71 48.15 -0.66
C CYS B 90 14.68 48.60 -1.75
N HIS B 91 15.27 49.78 -1.59
CA HIS B 91 16.15 50.34 -2.59
C HIS B 91 17.40 50.94 -1.96
N LYS B 92 18.48 50.97 -2.75
CA LYS B 92 19.70 51.67 -2.40
C LYS B 92 20.39 52.09 -3.70
N GLY B 93 20.67 53.38 -3.81
CA GLY B 93 21.38 53.86 -5.00
C GLY B 93 20.74 53.46 -6.31
N GLY B 94 19.40 53.54 -6.38
CA GLY B 94 18.69 53.27 -7.61
C GLY B 94 18.51 51.82 -7.95
N GLU B 95 19.15 50.90 -7.24
CA GLU B 95 18.99 49.47 -7.46
C GLU B 95 18.07 48.89 -6.41
N THR B 96 17.22 47.95 -6.83
CA THR B 96 16.35 47.25 -5.90
C THR B 96 17.15 46.22 -5.12
N LEU B 97 16.74 45.99 -3.87
CA LEU B 97 17.45 45.13 -2.95
C LEU B 97 16.64 43.92 -2.54
N SER B 98 15.43 44.15 -2.02
CA SER B 98 14.55 43.08 -1.56
C SER B 98 13.14 43.64 -1.53
N HIS B 99 12.17 42.76 -1.29
CA HIS B 99 10.79 43.21 -1.16
C HIS B 99 10.01 42.21 -0.32
N SER B 100 9.11 42.73 0.49
CA SER B 100 8.26 41.95 1.37
C SER B 100 6.81 42.23 1.04
N HIS B 101 5.97 41.21 1.14
CA HIS B 101 4.57 41.30 0.78
C HIS B 101 3.70 41.21 2.04
N LEU B 102 2.69 42.07 2.12
CA LEU B 102 1.78 42.11 3.26
C LEU B 102 0.38 41.72 2.81
N LEU B 103 -0.20 40.75 3.50
CA LEU B 103 -1.58 40.34 3.32
C LEU B 103 -2.36 40.69 4.58
N LEU B 104 -3.65 40.98 4.42
CA LEU B 104 -4.50 41.36 5.54
C LEU B 104 -5.52 40.26 5.81
N HIS B 105 -5.69 39.93 7.09
CA HIS B 105 -6.73 39.01 7.54
C HIS B 105 -7.74 39.79 8.36
N LYS B 106 -8.92 40.01 7.78
CA LYS B 106 -9.92 40.86 8.42
C LYS B 106 -10.57 40.16 9.59
N LYS B 107 -10.81 40.92 10.66
CA LYS B 107 -11.52 40.45 11.85
C LYS B 107 -12.53 41.52 12.23
N GLU B 108 -13.82 41.19 12.13
CA GLU B 108 -14.89 42.15 12.36
C GLU B 108 -15.93 41.54 13.29
N ASN B 109 -16.19 42.22 14.41
CA ASN B 109 -17.09 41.73 15.45
C ASN B 109 -16.61 40.41 16.05
N GLY B 110 -15.29 40.21 16.09
CA GLY B 110 -14.71 39.00 16.62
C GLY B 110 -14.67 37.83 15.67
N ILE B 111 -15.21 37.98 14.46
CA ILE B 111 -15.31 36.89 13.49
C ILE B 111 -14.29 37.13 12.38
N TRP B 112 -13.60 36.06 11.98
CA TRP B 112 -12.70 36.15 10.84
C TRP B 112 -13.49 36.19 9.55
N SER B 113 -13.07 37.07 8.63
CA SER B 113 -13.84 37.30 7.41
C SER B 113 -13.88 36.06 6.53
N THR B 114 -15.00 35.90 5.82
CA THR B 114 -15.21 34.81 4.86
C THR B 114 -15.89 35.42 3.64
N GLU B 115 -15.16 36.28 2.92
CA GLU B 115 -15.71 37.09 1.85
C GLU B 115 -15.24 36.69 0.46
N ILE B 116 -14.18 35.88 0.35
CA ILE B 116 -13.73 35.45 -0.97
C ILE B 116 -14.61 34.31 -1.48
N LEU B 117 -15.09 33.46 -0.59
CA LEU B 117 -15.87 32.29 -0.93
C LEU B 117 -17.35 32.52 -0.64
N LYS B 118 -18.20 31.86 -1.41
CA LYS B 118 -19.65 31.89 -1.20
C LYS B 118 -20.09 30.56 -0.60
N ASN B 119 -20.77 30.62 0.55
CA ASN B 119 -21.18 29.41 1.22
C ASN B 119 -22.37 28.77 0.51
N PHE B 120 -22.44 27.43 0.60
CA PHE B 120 -23.51 26.68 -0.01
C PHE B 120 -24.81 26.88 0.76
N LYS B 121 -25.89 26.32 0.22
CA LYS B 121 -27.20 26.43 0.86
C LYS B 121 -27.13 26.06 2.34
N ASN B 122 -26.36 25.02 2.67
CA ASN B 122 -26.22 24.56 4.06
C ASN B 122 -25.27 25.42 4.88
N LYS B 123 -24.86 26.59 4.37
CA LYS B 123 -23.99 27.54 5.06
C LYS B 123 -22.58 27.01 5.31
N THR B 124 -22.21 25.89 4.71
CA THR B 124 -20.83 25.44 4.71
C THR B 124 -20.10 26.02 3.49
N PHE B 125 -18.78 26.03 3.57
CA PHE B 125 -17.96 26.55 2.47
C PHE B 125 -17.32 25.45 1.65
N LEU B 126 -16.78 24.43 2.30
CA LEU B 126 -16.13 23.31 1.62
C LEU B 126 -17.05 22.10 1.60
N LYS B 127 -17.27 21.54 0.41
CA LYS B 127 -18.08 20.33 0.23
C LYS B 127 -17.26 19.29 -0.51
N CYS B 128 -16.99 18.16 0.14
CA CYS B 128 -16.21 17.09 -0.44
C CYS B 128 -17.07 15.86 -0.65
N GLU B 129 -16.73 15.09 -1.69
CA GLU B 129 -17.43 13.85 -2.00
C GLU B 129 -16.47 12.85 -2.63
N ALA B 130 -16.68 11.57 -2.32
CA ALA B 130 -15.84 10.48 -2.79
C ALA B 130 -16.69 9.40 -3.45
N PRO B 131 -16.28 8.88 -4.62
CA PRO B 131 -17.05 7.81 -5.26
C PRO B 131 -16.80 6.43 -4.69
N ASN B 132 -15.77 6.23 -3.88
CA ASN B 132 -15.44 4.93 -3.33
C ASN B 132 -14.53 5.12 -2.12
N TYR B 133 -14.21 4.01 -1.46
CA TYR B 133 -13.41 4.02 -0.23
C TYR B 133 -11.91 3.94 -0.50
N SER B 134 -11.46 4.25 -1.72
CA SER B 134 -10.05 4.13 -2.05
C SER B 134 -9.18 5.08 -1.23
N GLY B 135 -9.72 6.23 -0.85
CA GLY B 135 -8.92 7.32 -0.30
C GLY B 135 -8.94 8.55 -1.16
N ARG B 136 -9.23 8.40 -2.46
CA ARG B 136 -9.39 9.54 -3.34
C ARG B 136 -10.71 10.23 -3.07
N PHE B 137 -10.70 11.55 -3.17
CA PHE B 137 -11.90 12.36 -3.00
C PHE B 137 -11.59 13.73 -3.58
N THR B 138 -12.63 14.54 -3.69
CA THR B 138 -12.49 15.91 -4.16
C THR B 138 -13.27 16.84 -3.25
N CYS B 139 -12.75 18.04 -3.05
CA CYS B 139 -13.42 19.09 -2.32
C CYS B 139 -13.64 20.27 -3.27
N SER B 140 -14.75 20.98 -3.07
CA SER B 140 -15.11 22.09 -3.95
C SER B 140 -15.61 23.25 -3.12
N TRP B 141 -15.54 24.44 -3.72
CA TRP B 141 -16.02 25.67 -3.10
C TRP B 141 -16.47 26.62 -4.19
N LEU B 142 -17.19 27.66 -3.78
CA LEU B 142 -17.66 28.69 -4.68
C LEU B 142 -16.91 29.99 -4.37
N VAL B 143 -16.83 30.87 -5.35
CA VAL B 143 -16.16 32.16 -5.20
C VAL B 143 -17.09 33.27 -5.66
N GLN B 144 -17.03 34.40 -4.95
CA GLN B 144 -17.90 35.53 -5.23
C GLN B 144 -17.45 36.29 -6.48
N ARG B 145 -16.13 36.41 -6.69
CA ARG B 145 -15.62 37.07 -7.88
C ARG B 145 -14.33 36.37 -8.31
N ASN B 146 -14.36 35.78 -9.51
CA ASN B 146 -13.24 35.02 -10.04
C ASN B 146 -12.21 35.97 -10.66
N MET B 147 -11.38 36.56 -9.79
CA MET B 147 -10.36 37.48 -10.24
C MET B 147 -9.19 37.49 -9.27
N ASP B 148 -7.98 37.34 -9.80
CA ASP B 148 -6.74 37.43 -9.03
C ASP B 148 -6.80 36.54 -7.78
N LEU B 149 -7.10 35.26 -7.98
CA LEU B 149 -7.25 34.31 -6.90
C LEU B 149 -6.04 33.39 -6.81
N LYS B 150 -5.75 32.95 -5.58
CA LYS B 150 -4.69 31.99 -5.30
C LYS B 150 -5.16 31.09 -4.17
N PHE B 151 -5.25 29.79 -4.43
CA PHE B 151 -5.74 28.83 -3.45
C PHE B 151 -4.64 27.83 -3.11
N ASN B 152 -4.79 27.20 -1.95
CA ASN B 152 -3.86 26.17 -1.49
C ASN B 152 -4.51 25.41 -0.35
N ILE B 153 -4.59 24.09 -0.48
CA ILE B 153 -5.28 23.23 0.47
C ILE B 153 -4.31 22.18 0.98
N LYS B 154 -4.44 21.83 2.27
CA LYS B 154 -3.51 20.93 2.91
C LYS B 154 -4.13 20.41 4.20
N SER B 155 -3.44 19.46 4.82
CA SER B 155 -3.88 18.90 6.10
C SER B 155 -3.69 19.92 7.21
N SER B 156 -4.79 20.32 7.84
CA SER B 156 -4.73 21.36 8.86
C SER B 156 -3.86 20.93 10.04
N SER B 157 -4.21 19.81 10.67
CA SER B 157 -3.45 19.31 11.80
C SER B 157 -2.21 18.58 11.31
N SER B 158 -1.07 18.87 11.92
CA SER B 158 0.18 18.23 11.55
C SER B 158 0.78 17.48 12.72
N SER B 159 -0.02 16.63 13.35
CA SER B 159 0.40 15.77 14.45
C SER B 159 0.71 14.38 13.91
N PRO B 160 1.35 13.53 14.73
CA PRO B 160 1.66 12.18 14.23
C PRO B 160 0.43 11.33 14.05
N ASP B 161 -0.54 11.43 14.95
CA ASP B 161 -1.79 10.67 14.86
C ASP B 161 -2.84 11.37 13.99
N SER B 162 -2.41 12.26 13.10
CA SER B 162 -3.30 12.87 12.12
C SER B 162 -3.31 12.03 10.84
N ARG B 163 -4.32 12.27 10.01
CA ARG B 163 -4.44 11.56 8.73
C ARG B 163 -3.79 12.40 7.64
N ALA B 164 -2.70 11.90 7.08
CA ALA B 164 -1.95 12.62 6.06
C ALA B 164 -2.67 12.56 4.72
N VAL B 165 -2.73 13.69 4.03
CA VAL B 165 -3.42 13.80 2.76
C VAL B 165 -2.53 14.56 1.78
N THR B 166 -2.53 14.14 0.52
CA THR B 166 -1.74 14.76 -0.55
C THR B 166 -2.72 15.33 -1.57
N CYS B 167 -2.94 16.64 -1.52
CA CYS B 167 -3.89 17.31 -2.39
C CYS B 167 -3.18 17.89 -3.61
N GLY B 168 -3.94 18.04 -4.68
CA GLY B 168 -3.45 18.62 -5.92
C GLY B 168 -3.60 20.12 -5.96
N MET B 169 -3.71 20.65 -7.17
CA MET B 169 -3.87 22.08 -7.39
C MET B 169 -5.31 22.40 -7.71
N ALA B 170 -5.80 23.53 -7.19
CA ALA B 170 -7.19 23.92 -7.40
C ALA B 170 -7.39 24.39 -8.84
N SER B 171 -8.51 23.97 -9.43
CA SER B 171 -8.82 24.28 -10.82
C SER B 171 -10.24 24.82 -10.92
N LEU B 172 -10.43 25.79 -11.81
CA LEU B 172 -11.77 26.30 -12.07
C LEU B 172 -12.57 25.25 -12.83
N SER B 173 -13.78 24.98 -12.36
CA SER B 173 -14.64 23.98 -12.97
C SER B 173 -15.58 24.63 -13.97
N ALA B 174 -16.00 23.83 -14.96
CA ALA B 174 -16.96 24.32 -15.93
C ALA B 174 -18.35 24.47 -15.33
N GLU B 175 -18.70 23.61 -14.37
CA GLU B 175 -20.01 23.69 -13.74
C GLU B 175 -20.08 24.90 -12.82
N LYS B 176 -21.22 25.59 -12.85
CA LYS B 176 -21.45 26.78 -12.05
C LYS B 176 -22.71 26.58 -11.21
N VAL B 177 -22.56 26.57 -9.89
CA VAL B 177 -23.70 26.42 -9.00
C VAL B 177 -24.50 27.72 -8.98
N THR B 178 -25.82 27.59 -8.84
CA THR B 178 -26.74 28.73 -8.84
C THR B 178 -27.48 28.79 -7.51
N LEU B 179 -27.20 29.82 -6.72
CA LEU B 179 -27.86 30.06 -5.44
C LEU B 179 -28.45 31.47 -5.46
N ASP B 180 -29.59 31.61 -4.77
CA ASP B 180 -30.35 32.87 -4.75
C ASP B 180 -30.82 33.17 -6.17
N GLN B 181 -30.47 34.31 -6.75
CA GLN B 181 -30.74 34.61 -8.16
C GLN B 181 -29.44 34.90 -8.90
N ARG B 182 -28.39 34.13 -8.61
CA ARG B 182 -27.08 34.32 -9.21
C ARG B 182 -26.39 32.97 -9.34
N ASP B 183 -25.65 32.80 -10.44
CA ASP B 183 -24.88 31.57 -10.68
C ASP B 183 -23.40 31.83 -10.42
N TYR B 184 -22.84 31.08 -9.48
CA TYR B 184 -21.48 31.27 -8.97
C TYR B 184 -20.50 30.27 -9.58
N GLU B 185 -19.29 30.75 -9.88
CA GLU B 185 -18.23 29.89 -10.40
C GLU B 185 -17.70 28.97 -9.30
N LYS B 186 -17.41 27.73 -9.67
CA LYS B 186 -16.97 26.69 -8.74
C LYS B 186 -15.52 26.30 -8.98
N TYR B 187 -14.83 25.98 -7.88
CA TYR B 187 -13.47 25.47 -7.89
C TYR B 187 -13.45 24.06 -7.30
N SER B 188 -12.41 23.30 -7.62
CA SER B 188 -12.32 21.93 -7.14
C SER B 188 -10.86 21.48 -7.09
N VAL B 189 -10.60 20.51 -6.22
CA VAL B 189 -9.27 19.95 -6.03
C VAL B 189 -9.42 18.49 -5.63
N SER B 190 -8.60 17.64 -6.23
CA SER B 190 -8.61 16.21 -5.93
C SER B 190 -7.50 15.88 -4.93
N CYS B 191 -7.79 14.95 -4.03
CA CYS B 191 -6.89 14.60 -2.95
C CYS B 191 -6.87 13.10 -2.76
N GLN B 192 -5.77 12.62 -2.18
CA GLN B 192 -5.55 11.20 -1.91
C GLN B 192 -5.05 11.07 -0.48
N GLU B 193 -5.64 10.15 0.28
CA GLU B 193 -5.13 9.84 1.62
C GLU B 193 -3.90 8.94 1.49
N ASP B 194 -2.82 9.34 2.16
CA ASP B 194 -1.52 8.68 2.00
C ASP B 194 -1.62 7.18 2.22
N VAL B 195 -1.97 6.75 3.43
CA VAL B 195 -2.02 5.34 3.79
C VAL B 195 -3.46 4.89 3.93
N THR B 196 -3.74 3.67 3.45
CA THR B 196 -5.10 3.16 3.41
C THR B 196 -5.09 1.70 3.82
N CYS B 197 -6.21 1.26 4.40
CA CYS B 197 -6.45 -0.14 4.74
C CYS B 197 -7.92 -0.45 4.48
N PRO B 198 -8.25 -1.07 3.33
CA PRO B 198 -9.64 -1.15 2.88
C PRO B 198 -10.68 -1.41 3.97
N THR B 199 -10.47 -2.46 4.76
CA THR B 199 -11.44 -2.85 5.78
C THR B 199 -11.41 -1.95 6.99
N ALA B 200 -10.32 -1.20 7.20
CA ALA B 200 -10.14 -0.51 8.47
C ALA B 200 -11.24 0.50 8.75
N GLU B 201 -11.63 0.56 10.02
CA GLU B 201 -12.59 1.55 10.51
C GLU B 201 -11.87 2.87 10.73
N GLU B 202 -12.54 3.98 10.42
CA GLU B 202 -11.94 5.29 10.61
C GLU B 202 -12.13 5.72 12.07
N THR B 203 -11.02 5.93 12.76
CA THR B 203 -11.05 6.29 14.18
C THR B 203 -10.95 7.79 14.41
N LEU B 204 -10.40 8.54 13.47
CA LEU B 204 -10.33 10.00 13.54
C LEU B 204 -10.48 10.56 12.14
N PRO B 205 -10.97 11.79 12.01
CA PRO B 205 -11.34 12.31 10.69
C PRO B 205 -10.18 12.95 9.93
N ILE B 206 -10.45 13.23 8.65
CA ILE B 206 -9.54 13.96 7.79
C ILE B 206 -9.83 15.45 7.98
N GLU B 207 -8.87 16.17 8.57
CA GLU B 207 -9.01 17.60 8.82
C GLU B 207 -8.22 18.37 7.76
N LEU B 208 -8.93 19.15 6.94
CA LEU B 208 -8.35 19.91 5.86
C LEU B 208 -8.46 21.40 6.13
N ALA B 209 -7.66 22.18 5.40
CA ALA B 209 -7.66 23.63 5.52
C ALA B 209 -7.31 24.25 4.18
N LEU B 210 -8.17 25.14 3.71
CA LEU B 210 -7.95 25.87 2.46
C LEU B 210 -7.53 27.29 2.77
N GLU B 211 -6.41 27.71 2.19
CA GLU B 211 -5.97 29.09 2.23
C GLU B 211 -6.43 29.76 0.94
N ALA B 212 -7.09 30.91 1.07
CA ALA B 212 -7.63 31.64 -0.07
C ALA B 212 -7.09 33.06 -0.05
N ARG B 213 -6.64 33.53 -1.21
CA ARG B 213 -6.20 34.91 -1.38
C ARG B 213 -6.96 35.56 -2.53
N GLN B 214 -7.20 36.86 -2.39
CA GLN B 214 -7.82 37.65 -3.44
C GLN B 214 -7.21 39.05 -3.36
N GLN B 215 -6.34 39.37 -4.30
CA GLN B 215 -5.53 40.59 -4.27
C GLN B 215 -4.66 40.48 -3.02
N ASN B 216 -4.75 41.42 -2.07
CA ASN B 216 -3.94 41.35 -0.84
C ASN B 216 -4.81 41.02 0.37
N LYS B 217 -5.90 40.28 0.17
CA LYS B 217 -6.75 39.80 1.24
C LYS B 217 -6.49 38.32 1.47
N TYR B 218 -6.32 37.93 2.73
CA TYR B 218 -6.07 36.56 3.11
C TYR B 218 -7.20 36.05 4.01
N GLU B 219 -7.71 34.87 3.68
CA GLU B 219 -8.72 34.19 4.48
C GLU B 219 -8.39 32.71 4.45
N ASN B 220 -9.00 31.94 5.35
CA ASN B 220 -8.78 30.50 5.31
C ASN B 220 -9.97 29.76 5.89
N TYR B 221 -10.27 28.61 5.27
CA TYR B 221 -11.45 27.81 5.51
C TYR B 221 -11.01 26.40 5.89
N SER B 222 -11.71 25.80 6.85
CA SER B 222 -11.36 24.48 7.34
C SER B 222 -12.57 23.57 7.35
N THR B 223 -12.30 22.26 7.32
CA THR B 223 -13.33 21.24 7.33
C THR B 223 -12.74 19.94 7.85
N SER B 224 -13.58 19.15 8.52
CA SER B 224 -13.20 17.82 8.99
C SER B 224 -14.28 16.84 8.58
N PHE B 225 -13.87 15.61 8.23
CA PHE B 225 -14.84 14.63 7.77
C PHE B 225 -14.22 13.25 7.77
N PHE B 226 -15.09 12.24 7.83
CA PHE B 226 -14.73 10.85 7.61
C PHE B 226 -15.09 10.50 6.17
N ILE B 227 -14.21 9.76 5.48
CA ILE B 227 -14.49 9.44 4.09
C ILE B 227 -15.83 8.71 3.96
N ARG B 228 -16.19 7.89 4.96
CA ARG B 228 -17.45 7.17 4.89
C ARG B 228 -18.64 8.12 4.77
N ASP B 229 -18.54 9.30 5.37
CA ASP B 229 -19.66 10.25 5.37
C ASP B 229 -19.79 11.00 4.04
N ILE B 230 -18.68 11.18 3.31
CA ILE B 230 -18.72 11.90 2.05
C ILE B 230 -18.95 10.99 0.85
N ILE B 231 -19.13 9.68 1.07
CA ILE B 231 -19.28 8.74 -0.03
C ILE B 231 -20.56 9.04 -0.83
N LYS B 232 -20.43 9.00 -2.15
CA LYS B 232 -21.58 9.12 -3.06
C LYS B 232 -21.28 8.28 -4.29
N PRO B 233 -21.87 7.08 -4.38
CA PRO B 233 -21.57 6.21 -5.53
C PRO B 233 -22.05 6.81 -6.83
N ASP B 234 -21.48 6.30 -7.91
CA ASP B 234 -21.92 6.66 -9.25
C ASP B 234 -23.13 5.81 -9.63
N PRO B 235 -23.90 6.23 -10.63
CA PRO B 235 -25.16 5.53 -10.91
C PRO B 235 -24.91 4.14 -11.43
N PRO B 236 -25.84 3.20 -11.18
CA PRO B 236 -25.62 1.81 -11.61
C PRO B 236 -25.59 1.68 -13.13
N LYS B 237 -24.63 0.89 -13.63
CA LYS B 237 -24.40 0.75 -15.06
C LYS B 237 -25.22 -0.39 -15.65
N ASN B 238 -25.37 -0.34 -16.98
CA ASN B 238 -26.05 -1.37 -17.78
C ASN B 238 -27.43 -1.70 -17.21
N LEU B 239 -28.30 -0.69 -17.22
CA LEU B 239 -29.69 -0.84 -16.78
C LEU B 239 -30.53 -1.34 -17.96
N GLN B 240 -30.68 -2.65 -18.06
CA GLN B 240 -31.42 -3.29 -19.14
C GLN B 240 -32.82 -3.69 -18.70
N MET B 241 -33.70 -3.88 -19.68
CA MET B 241 -35.09 -4.26 -19.45
C MET B 241 -35.40 -5.59 -20.14
N LYS B 242 -36.39 -6.32 -19.59
CA LYS B 242 -36.82 -7.60 -20.13
C LYS B 242 -38.25 -7.90 -19.68
N PRO B 243 -39.22 -7.94 -20.59
CA PRO B 243 -40.64 -8.06 -20.18
C PRO B 243 -40.97 -9.43 -19.61
N LEU B 244 -42.16 -9.49 -19.00
CA LEU B 244 -42.67 -10.70 -18.36
C LEU B 244 -44.09 -11.04 -18.82
N LYS B 245 -45.04 -10.16 -18.56
CA LYS B 245 -46.44 -10.37 -18.94
C LYS B 245 -47.12 -9.00 -18.99
N ASN B 246 -48.43 -9.02 -19.25
CA ASN B 246 -49.18 -7.77 -19.34
C ASN B 246 -49.02 -6.99 -18.04
N SER B 247 -48.37 -5.82 -18.14
CA SER B 247 -48.16 -4.93 -17.00
C SER B 247 -47.18 -5.52 -15.99
N GLN B 248 -46.17 -6.25 -16.48
CA GLN B 248 -45.13 -6.81 -15.63
C GLN B 248 -43.84 -6.88 -16.44
N VAL B 249 -42.72 -6.54 -15.80
CA VAL B 249 -41.43 -6.50 -16.48
C VAL B 249 -40.33 -6.57 -15.44
N GLU B 250 -39.26 -7.30 -15.78
CA GLU B 250 -38.09 -7.45 -14.93
C GLU B 250 -36.98 -6.48 -15.36
N VAL B 251 -36.45 -5.73 -14.39
CA VAL B 251 -35.41 -4.73 -14.64
C VAL B 251 -34.14 -5.15 -13.90
N SER B 252 -33.00 -5.05 -14.58
CA SER B 252 -31.72 -5.50 -14.05
C SER B 252 -30.64 -4.45 -14.30
N TRP B 253 -29.56 -4.53 -13.52
CA TRP B 253 -28.45 -3.59 -13.61
C TRP B 253 -27.22 -4.23 -12.96
N GLU B 254 -26.15 -3.44 -12.81
CA GLU B 254 -24.95 -3.90 -12.14
C GLU B 254 -24.24 -2.72 -11.47
N TYR B 255 -23.42 -3.04 -10.47
CA TYR B 255 -22.70 -2.02 -9.70
C TYR B 255 -21.84 -1.17 -10.63
N PRO B 256 -21.59 0.09 -10.30
CA PRO B 256 -20.74 0.93 -11.16
C PRO B 256 -19.28 0.55 -11.07
N ASP B 257 -18.55 0.88 -12.13
CA ASP B 257 -17.13 0.54 -12.20
C ASP B 257 -16.31 1.30 -11.16
N SER B 258 -16.71 2.52 -10.82
CA SER B 258 -15.95 3.31 -9.85
C SER B 258 -15.98 2.70 -8.45
N TRP B 259 -17.02 1.93 -8.14
CA TRP B 259 -17.23 1.49 -6.77
C TRP B 259 -16.11 0.57 -6.29
N SER B 260 -15.92 0.57 -4.97
CA SER B 260 -14.88 -0.23 -4.34
C SER B 260 -15.13 -1.72 -4.53
N THR B 261 -14.03 -2.48 -4.54
CA THR B 261 -14.03 -3.92 -4.67
C THR B 261 -13.33 -4.56 -3.48
N PRO B 262 -13.67 -5.80 -3.10
CA PRO B 262 -14.70 -6.66 -3.70
C PRO B 262 -16.12 -6.27 -3.29
N HIS B 263 -17.08 -6.53 -4.18
CA HIS B 263 -18.46 -6.12 -3.95
C HIS B 263 -19.11 -6.94 -2.85
N SER B 264 -18.57 -8.11 -2.53
CA SER B 264 -19.09 -8.88 -1.41
C SER B 264 -18.91 -8.14 -0.09
N TYR B 265 -17.84 -7.36 0.02
CA TYR B 265 -17.63 -6.54 1.22
C TYR B 265 -18.28 -5.17 1.07
N PHE B 266 -17.99 -4.47 -0.02
CA PHE B 266 -18.52 -3.14 -0.26
C PHE B 266 -19.88 -3.25 -0.96
N SER B 267 -20.85 -3.74 -0.19
CA SER B 267 -22.19 -3.95 -0.71
C SER B 267 -22.93 -2.62 -0.87
N LEU B 268 -23.99 -2.66 -1.68
CA LEU B 268 -24.77 -1.48 -2.02
C LEU B 268 -26.26 -1.77 -1.83
N LYS B 269 -27.01 -0.69 -1.70
CA LYS B 269 -28.47 -0.71 -1.65
C LYS B 269 -29.00 0.03 -2.87
N PHE B 270 -30.24 -0.28 -3.25
CA PHE B 270 -30.86 0.39 -4.39
C PHE B 270 -32.31 0.69 -4.08
N PHE B 271 -32.78 1.83 -4.60
CA PHE B 271 -34.16 2.27 -4.50
C PHE B 271 -34.73 2.40 -5.90
N VAL B 272 -35.99 2.00 -6.07
CA VAL B 272 -36.64 1.94 -7.37
C VAL B 272 -37.94 2.74 -7.31
N ARG B 273 -38.04 3.78 -8.14
CA ARG B 273 -39.22 4.63 -8.22
C ARG B 273 -39.74 4.64 -9.66
N ILE B 274 -40.95 5.19 -9.82
CA ILE B 274 -41.62 5.28 -11.11
C ILE B 274 -41.90 6.75 -11.40
N GLN B 275 -41.87 7.10 -12.69
CA GLN B 275 -42.03 8.47 -13.14
C GLN B 275 -43.12 8.56 -14.21
N ARG B 276 -43.57 9.79 -14.46
CA ARG B 276 -44.60 10.05 -15.45
C ARG B 276 -44.48 11.47 -15.99
N GLY B 287 -28.54 13.09 -1.95
CA GLY B 287 -29.63 13.30 -2.89
C GLY B 287 -30.60 12.14 -2.94
N CYS B 288 -31.05 11.71 -1.76
CA CYS B 288 -31.97 10.59 -1.62
C CYS B 288 -33.39 11.16 -1.63
N ASN B 289 -34.09 11.00 -2.75
CA ASN B 289 -35.47 11.47 -2.82
C ASN B 289 -36.42 10.50 -2.11
N GLN B 290 -36.52 9.27 -2.62
CA GLN B 290 -37.23 8.19 -1.95
C GLN B 290 -38.65 8.58 -1.56
N LYS B 291 -39.32 9.34 -2.42
CA LYS B 291 -40.70 9.72 -2.13
C LYS B 291 -41.62 8.51 -2.25
N GLY B 292 -41.49 7.76 -3.35
CA GLY B 292 -42.29 6.57 -3.58
C GLY B 292 -41.44 5.45 -4.11
N ALA B 293 -40.16 5.43 -3.73
CA ALA B 293 -39.22 4.42 -4.18
C ALA B 293 -39.17 3.27 -3.19
N PHE B 294 -39.03 2.04 -3.70
CA PHE B 294 -38.97 0.87 -2.86
C PHE B 294 -37.58 0.25 -2.89
N LEU B 295 -37.16 -0.25 -1.73
CA LEU B 295 -35.80 -0.74 -1.52
C LEU B 295 -35.61 -2.13 -2.13
N VAL B 296 -34.43 -2.34 -2.72
CA VAL B 296 -34.02 -3.65 -3.21
C VAL B 296 -32.52 -3.79 -3.02
N GLU B 297 -32.11 -4.79 -2.25
CA GLU B 297 -30.70 -5.04 -2.01
C GLU B 297 -30.05 -5.82 -3.14
N LYS B 298 -30.81 -6.71 -3.79
CA LYS B 298 -30.33 -7.43 -4.97
C LYS B 298 -30.24 -6.47 -6.15
N THR B 299 -29.64 -6.94 -7.24
CA THR B 299 -29.43 -6.13 -8.45
C THR B 299 -30.53 -6.30 -9.49
N SER B 300 -31.75 -6.66 -9.09
CA SER B 300 -32.84 -6.81 -10.05
C SER B 300 -34.17 -6.89 -9.31
N THR B 301 -35.25 -6.57 -10.03
CA THR B 301 -36.59 -6.61 -9.47
C THR B 301 -37.62 -6.81 -10.59
N GLU B 302 -38.82 -7.18 -10.17
CA GLU B 302 -40.01 -7.21 -11.03
C GLU B 302 -40.98 -6.15 -10.54
N VAL B 303 -41.56 -5.39 -11.47
CA VAL B 303 -42.36 -4.23 -11.13
C VAL B 303 -43.33 -3.94 -12.26
N GLN B 304 -44.40 -3.22 -11.95
CA GLN B 304 -45.43 -2.87 -12.91
C GLN B 304 -45.30 -1.41 -13.33
N CYS B 305 -45.35 -1.16 -14.64
CA CYS B 305 -45.32 0.20 -15.16
C CYS B 305 -46.23 0.33 -16.37
N LYS B 306 -45.88 -0.34 -17.47
CA LYS B 306 -46.67 -0.28 -18.70
C LYS B 306 -46.85 1.15 -19.19
N GLY B 307 -45.85 2.00 -18.98
CA GLY B 307 -45.94 3.39 -19.38
C GLY B 307 -45.23 4.30 -18.40
N GLY B 308 -44.12 4.88 -18.82
CA GLY B 308 -43.32 5.76 -17.97
C GLY B 308 -41.91 5.25 -17.81
N ASN B 309 -41.17 5.92 -16.94
CA ASN B 309 -39.78 5.58 -16.65
C ASN B 309 -39.69 4.74 -15.39
N VAL B 310 -38.67 3.88 -15.35
CA VAL B 310 -38.31 3.13 -14.15
C VAL B 310 -36.90 3.55 -13.76
N CYS B 311 -36.79 4.29 -12.66
CA CYS B 311 -35.53 4.90 -12.23
C CYS B 311 -35.00 4.18 -11.00
N VAL B 312 -33.66 4.08 -10.91
CA VAL B 312 -33.01 3.40 -9.79
C VAL B 312 -31.73 4.14 -9.41
N GLN B 313 -31.51 4.27 -8.10
CA GLN B 313 -30.33 4.91 -7.55
C GLN B 313 -29.69 3.95 -6.53
N ALA B 314 -28.46 4.25 -6.15
CA ALA B 314 -27.68 3.39 -5.26
C ALA B 314 -27.24 4.12 -4.00
N GLN B 315 -26.88 3.32 -3.00
CA GLN B 315 -26.42 3.80 -1.70
C GLN B 315 -25.64 2.68 -1.03
N ASP B 316 -24.68 3.06 -0.18
CA ASP B 316 -23.96 2.06 0.60
C ASP B 316 -24.94 1.31 1.49
N ARG B 317 -24.85 -0.01 1.49
CA ARG B 317 -25.84 -0.82 2.19
C ARG B 317 -25.87 -0.51 3.68
N TYR B 318 -24.71 -0.29 4.28
CA TYR B 318 -24.58 -0.29 5.73
C TYR B 318 -24.51 1.10 6.36
N TYR B 319 -24.13 2.12 5.59
CA TYR B 319 -24.01 3.47 6.11
C TYR B 319 -24.95 4.40 5.35
N ASN B 320 -25.59 5.31 6.08
CA ASN B 320 -26.54 6.26 5.48
C ASN B 320 -25.76 7.45 4.92
N SER B 321 -25.01 7.17 3.86
CA SER B 321 -24.27 8.20 3.14
C SER B 321 -25.10 8.69 1.96
N SER B 322 -24.53 9.60 1.17
CA SER B 322 -25.26 10.20 0.05
C SER B 322 -25.62 9.14 -0.98
N CYS B 323 -26.82 9.24 -1.52
CA CYS B 323 -27.26 8.35 -2.58
C CYS B 323 -26.70 8.81 -3.93
N SER B 324 -26.78 7.92 -4.91
CA SER B 324 -26.25 8.19 -6.24
C SER B 324 -27.29 8.92 -7.09
N LYS B 325 -26.85 9.39 -8.25
CA LYS B 325 -27.77 9.95 -9.22
C LYS B 325 -28.67 8.84 -9.77
N TRP B 326 -29.83 9.24 -10.28
CA TRP B 326 -30.78 8.27 -10.79
C TRP B 326 -30.35 7.74 -12.15
N ALA B 327 -30.62 6.45 -12.37
CA ALA B 327 -30.40 5.79 -13.65
C ALA B 327 -31.76 5.34 -14.17
N CYS B 328 -32.22 5.96 -15.25
CA CYS B 328 -33.58 5.77 -15.74
C CYS B 328 -33.58 5.14 -17.13
N VAL B 329 -34.66 4.42 -17.41
CA VAL B 329 -34.89 3.75 -18.70
C VAL B 329 -36.40 3.68 -18.90
N PRO B 330 -36.92 3.74 -20.13
CA PRO B 330 -38.39 3.75 -20.29
C PRO B 330 -39.05 2.41 -20.03
N CYS B 331 -40.38 2.39 -20.11
CA CYS B 331 -41.18 1.19 -19.94
C CYS B 331 -42.18 1.04 -21.07
N LYS B 338 -52.88 -9.12 -30.28
CA LYS B 338 -53.67 -9.72 -31.36
C LYS B 338 -53.01 -10.99 -31.87
N HIS B 339 -53.80 -11.80 -32.59
CA HIS B 339 -53.34 -13.06 -33.14
C HIS B 339 -53.11 -14.09 -32.03
N HIS B 340 -54.12 -14.92 -31.77
CA HIS B 340 -54.03 -16.00 -30.81
C HIS B 340 -53.47 -15.53 -29.47
#